data_6UFX
#
_entry.id   6UFX
#
_cell.length_a   78.625
_cell.length_b   98.896
_cell.length_c   80.546
_cell.angle_alpha   90.000
_cell.angle_beta   90.000
_cell.angle_gamma   90.000
#
_symmetry.space_group_name_H-M   'C 2 2 21'
#
loop_
_entity.id
_entity.type
_entity.pdbx_description
1 polymer 'WD repeat-containing protein 5'
2 non-polymer "N-[(3,5-dimethoxyphenyl)methyl]-4'-fluoro-5-{[(2E)-2-imino-3-methyl-2,3-dihydro-1H-imidazol-1-yl]methyl}-2'-methyl[1,1'-biphenyl]-3-carboxamide"
3 water water
#
_entity_poly.entity_id   1
_entity_poly.type   'polypeptide(L)'
_entity_poly.pdbx_seq_one_letter_code
;KPNYALKFTLAGHTKAVSSVKFSPNGEWLASSSADKLIKIWGAYDGKFEKTISGHKLGISDVAWSSDSNLLVSASDDKTL
KIWDVSSGKCLKTLKGHSNYVFCCNFNPQSNLIVSGSFDESVRIWDVKTGKCLKTLPAHSDPVSAVHFNRDGSLIVSSSY
DGLCRIWDTASGQCLKTLIDDDNPPVSFVKFSPNGKYILAATLDNTLKLWDYSSGKCLKTYTGHKNEKYCIFANFSVTGG
KWIVSGSEDNLVYIWNLQTKEIVQKLQGHTDVVISTACHPTENIIASAALENDKTIKLWKSDC
;
_entity_poly.pdbx_strand_id   A
#
# COMPACT_ATOMS: atom_id res chain seq x y z
N LYS A 1 -18.60 -4.12 -16.76
CA LYS A 1 -17.49 -3.17 -16.87
C LYS A 1 -17.79 -1.84 -16.16
N PRO A 2 -16.80 -1.28 -15.48
CA PRO A 2 -16.98 0.03 -14.86
C PRO A 2 -16.73 1.14 -15.88
N ASN A 3 -17.06 2.37 -15.48
CA ASN A 3 -16.93 3.54 -16.35
C ASN A 3 -16.16 4.63 -15.64
N TYR A 4 -14.94 4.33 -15.17
CA TYR A 4 -14.14 5.32 -14.48
C TYR A 4 -13.75 6.45 -15.42
N ALA A 5 -13.89 7.69 -14.93
CA ALA A 5 -13.55 8.88 -15.68
C ALA A 5 -12.80 9.85 -14.79
N LEU A 6 -11.81 10.52 -15.37
CA LEU A 6 -11.02 11.51 -14.64
C LEU A 6 -11.88 12.68 -14.15
N LYS A 7 -11.79 12.98 -12.86
CA LYS A 7 -12.53 14.09 -12.27
C LYS A 7 -11.62 15.19 -11.76
N PHE A 8 -10.49 14.85 -11.14
CA PHE A 8 -9.59 15.83 -10.56
C PHE A 8 -8.15 15.39 -10.75
N THR A 9 -7.27 16.36 -10.92
CA THR A 9 -5.83 16.16 -10.92
C THR A 9 -5.24 17.00 -9.82
N LEU A 10 -4.41 16.39 -8.98
CA LEU A 10 -3.92 16.97 -7.73
C LEU A 10 -2.43 17.22 -7.86
N ALA A 11 -2.04 18.49 -7.87
CA ALA A 11 -0.65 18.88 -7.95
C ALA A 11 -0.24 19.51 -6.63
N GLY A 12 1.02 19.31 -6.25
CA GLY A 12 1.53 19.94 -5.04
C GLY A 12 2.85 19.35 -4.61
N HIS A 13 2.98 18.03 -4.70
CA HIS A 13 4.26 17.42 -4.41
C HIS A 13 5.30 17.83 -5.44
N THR A 14 6.53 18.03 -4.99
CA THR A 14 7.60 18.51 -5.85
C THR A 14 8.51 17.40 -6.33
N LYS A 15 8.25 16.15 -5.92
CA LYS A 15 9.01 15.00 -6.41
C LYS A 15 8.06 13.82 -6.55
N ALA A 16 8.59 12.68 -6.97
CA ALA A 16 7.78 11.49 -7.15
C ALA A 16 6.84 11.29 -5.98
N VAL A 17 5.58 11.00 -6.28
CA VAL A 17 4.64 10.59 -5.25
C VAL A 17 4.85 9.10 -4.99
N SER A 18 4.84 8.70 -3.72
CA SER A 18 5.18 7.32 -3.38
C SER A 18 3.98 6.47 -2.99
N SER A 19 2.92 7.06 -2.44
CA SER A 19 1.78 6.28 -1.97
CA SER A 19 1.78 6.28 -2.00
C SER A 19 0.59 7.20 -1.77
N VAL A 20 -0.61 6.69 -2.08
CA VAL A 20 -1.86 7.37 -1.75
C VAL A 20 -2.77 6.39 -1.03
N LYS A 21 -3.51 6.88 -0.03
CA LYS A 21 -4.42 6.05 0.76
C LYS A 21 -5.64 6.87 1.18
N PHE A 22 -6.82 6.29 1.03
CA PHE A 22 -8.05 6.91 1.50
C PHE A 22 -8.24 6.63 2.99
N SER A 23 -8.68 7.66 3.73
CA SER A 23 -9.01 7.42 5.12
C SER A 23 -10.18 6.43 5.20
N PRO A 24 -10.23 5.61 6.24
CA PRO A 24 -11.32 4.63 6.38
C PRO A 24 -12.69 5.26 6.53
N ASN A 25 -12.78 6.51 7.01
CA ASN A 25 -14.08 7.18 7.08
C ASN A 25 -14.46 7.83 5.76
N GLY A 26 -13.66 7.67 4.72
CA GLY A 26 -14.03 8.14 3.40
C GLY A 26 -13.85 9.61 3.13
N GLU A 27 -13.41 10.39 4.12
CA GLU A 27 -13.39 11.85 3.97
C GLU A 27 -12.11 12.39 3.33
N TRP A 28 -10.99 11.66 3.43
CA TRP A 28 -9.68 12.23 3.13
C TRP A 28 -8.85 11.29 2.28
N LEU A 29 -7.87 11.89 1.60
CA LEU A 29 -6.82 11.16 0.91
C LEU A 29 -5.48 11.66 1.43
N ALA A 30 -4.60 10.74 1.82
CA ALA A 30 -3.25 11.10 2.21
C ALA A 30 -2.27 10.65 1.12
N SER A 31 -1.24 11.44 0.92
CA SER A 31 -0.21 11.14 -0.05
C SER A 31 1.15 11.36 0.59
N SER A 32 2.11 10.51 0.22
CA SER A 32 3.50 10.67 0.63
C SER A 32 4.35 10.88 -0.60
N SER A 33 5.58 11.36 -0.41
CA SER A 33 6.39 11.73 -1.58
C SER A 33 7.87 11.70 -1.21
N ALA A 34 8.70 11.51 -2.24
CA ALA A 34 10.13 11.75 -2.11
C ALA A 34 10.44 13.19 -1.66
N ASP A 35 9.49 14.12 -1.81
CA ASP A 35 9.78 15.46 -1.29
C ASP A 35 9.76 15.54 0.25
N LYS A 36 9.66 14.44 1.01
CA LYS A 36 9.72 14.37 2.47
C LYS A 36 8.41 14.80 3.13
N LEU A 37 7.34 15.00 2.37
CA LEU A 37 6.10 15.57 2.90
C LEU A 37 4.93 14.61 2.76
N ILE A 38 3.99 14.73 3.69
CA ILE A 38 2.67 14.13 3.58
C ILE A 38 1.69 15.24 3.24
N LYS A 39 0.77 14.98 2.31
CA LYS A 39 -0.29 15.94 2.01
C LYS A 39 -1.63 15.26 2.18
N ILE A 40 -2.60 16.01 2.69
CA ILE A 40 -3.98 15.57 2.91
C ILE A 40 -4.89 16.32 1.95
N TRP A 41 -5.82 15.59 1.33
CA TRP A 41 -6.73 16.12 0.32
C TRP A 41 -8.16 15.70 0.63
N GLY A 42 -9.12 16.53 0.25
CA GLY A 42 -10.51 16.11 0.32
C GLY A 42 -10.75 14.96 -0.64
N ALA A 43 -11.33 13.85 -0.15
CA ALA A 43 -11.45 12.65 -0.97
C ALA A 43 -12.44 12.83 -2.11
N TYR A 44 -13.45 13.67 -1.94
CA TYR A 44 -14.52 13.78 -2.93
C TYR A 44 -14.31 14.91 -3.93
N ASP A 45 -13.66 15.99 -3.52
CA ASP A 45 -13.41 17.11 -4.40
C ASP A 45 -11.94 17.34 -4.70
N GLY A 46 -11.05 16.55 -4.10
CA GLY A 46 -9.63 16.74 -4.31
C GLY A 46 -9.07 18.04 -3.78
N LYS A 47 -9.81 18.77 -2.94
CA LYS A 47 -9.33 20.05 -2.45
C LYS A 47 -8.22 19.85 -1.43
N PHE A 48 -7.10 20.55 -1.63
CA PHE A 48 -5.96 20.40 -0.73
C PHE A 48 -6.34 20.84 0.68
N GLU A 49 -5.95 20.04 1.67
CA GLU A 49 -6.25 20.37 3.06
C GLU A 49 -5.02 20.89 3.80
N LYS A 50 -3.99 20.07 3.99
CA LYS A 50 -2.81 20.54 4.73
C LYS A 50 -1.60 19.70 4.37
N THR A 51 -0.42 20.21 4.72
CA THR A 51 0.84 19.49 4.59
C THR A 51 1.35 19.07 5.97
N ILE A 52 1.86 17.84 6.07
CA ILE A 52 2.41 17.31 7.30
C ILE A 52 3.89 17.04 7.09
N SER A 53 4.74 17.72 7.87
CA SER A 53 6.17 17.82 7.63
C SER A 53 6.93 17.28 8.82
N GLY A 54 8.15 16.81 8.58
CA GLY A 54 8.93 16.28 9.69
C GLY A 54 10.01 15.29 9.30
N HIS A 55 9.77 14.45 8.31
CA HIS A 55 10.80 13.48 7.94
C HIS A 55 12.00 14.20 7.34
N LYS A 56 13.18 13.58 7.51
CA LYS A 56 14.44 14.14 7.05
C LYS A 56 14.81 13.69 5.65
N LEU A 57 14.21 12.61 5.15
CA LEU A 57 14.45 12.12 3.80
C LEU A 57 13.11 11.72 3.20
N GLY A 58 13.15 11.20 1.98
CA GLY A 58 11.92 10.89 1.27
C GLY A 58 11.04 9.92 2.05
N ILE A 59 9.73 10.06 1.87
CA ILE A 59 8.75 9.18 2.50
C ILE A 59 8.31 8.13 1.51
N SER A 60 8.40 6.86 1.91
CA SER A 60 8.03 5.77 1.02
C SER A 60 6.56 5.40 1.12
N ASP A 61 5.95 5.49 2.32
CA ASP A 61 4.62 4.93 2.52
C ASP A 61 3.90 5.70 3.61
N VAL A 62 2.57 5.71 3.53
CA VAL A 62 1.71 6.31 4.56
CA VAL A 62 1.72 6.30 4.56
C VAL A 62 0.47 5.42 4.71
N ALA A 63 -0.07 5.38 5.93
CA ALA A 63 -1.24 4.54 6.21
C ALA A 63 -2.05 5.13 7.36
N TRP A 64 -3.37 4.92 7.31
CA TRP A 64 -4.33 5.50 8.25
C TRP A 64 -4.63 4.56 9.42
N SER A 65 -4.93 5.14 10.58
CA SER A 65 -5.50 4.33 11.65
C SER A 65 -6.98 4.06 11.34
N SER A 66 -7.54 3.08 12.07
CA SER A 66 -8.92 2.64 11.80
C SER A 66 -9.92 3.78 11.98
N ASP A 67 -9.68 4.65 12.95
CA ASP A 67 -10.60 5.76 13.22
C ASP A 67 -10.28 7.01 12.40
N SER A 68 -9.38 6.92 11.40
CA SER A 68 -8.96 8.04 10.55
C SER A 68 -8.35 9.21 11.33
N ASN A 69 -7.94 9.02 12.58
CA ASN A 69 -7.35 10.12 13.35
C ASN A 69 -5.84 10.18 13.27
N LEU A 70 -5.17 9.07 12.96
CA LEU A 70 -3.73 9.00 12.94
C LEU A 70 -3.22 8.53 11.59
N LEU A 71 -2.00 8.95 11.26
CA LEU A 71 -1.24 8.39 10.15
C LEU A 71 0.08 7.82 10.68
N VAL A 72 0.60 6.83 9.97
CA VAL A 72 1.97 6.41 10.15
C VAL A 72 2.67 6.49 8.80
N SER A 73 3.92 6.89 8.81
CA SER A 73 4.70 7.08 7.61
C SER A 73 6.04 6.37 7.77
N ALA A 74 6.55 5.82 6.67
CA ALA A 74 7.83 5.12 6.61
C ALA A 74 8.76 5.85 5.66
N SER A 75 10.02 6.04 6.06
CA SER A 75 10.89 6.99 5.38
C SER A 75 12.29 6.43 5.13
N ASP A 76 12.96 6.98 4.12
CA ASP A 76 14.38 6.69 3.90
C ASP A 76 15.26 7.16 5.06
N ASP A 77 14.75 8.01 5.95
CA ASP A 77 15.55 8.39 7.10
C ASP A 77 15.59 7.31 8.18
N LYS A 78 15.08 6.12 7.88
CA LYS A 78 15.13 4.92 8.72
C LYS A 78 14.20 5.00 9.92
N THR A 79 13.27 5.95 9.94
CA THR A 79 12.25 6.02 10.97
C THR A 79 10.85 5.81 10.38
N LEU A 80 9.91 5.52 11.28
CA LEU A 80 8.51 5.76 11.07
C LEU A 80 8.08 6.89 12.00
N LYS A 81 7.01 7.59 11.63
CA LYS A 81 6.45 8.62 12.50
C LYS A 81 4.95 8.41 12.59
N ILE A 82 4.41 8.62 13.78
CA ILE A 82 2.98 8.57 14.02
C ILE A 82 2.50 10.01 14.15
N TRP A 83 1.49 10.37 13.36
CA TRP A 83 1.00 11.74 13.27
C TRP A 83 -0.44 11.80 13.73
N ASP A 84 -0.78 12.86 14.44
CA ASP A 84 -2.17 13.19 14.71
C ASP A 84 -2.63 14.10 13.59
N VAL A 85 -3.55 13.61 12.75
CA VAL A 85 -3.88 14.31 11.52
C VAL A 85 -4.50 15.68 11.80
N SER A 86 -5.41 15.74 12.77
CA SER A 86 -6.14 16.99 13.04
C SER A 86 -5.19 18.11 13.46
N SER A 87 -4.26 17.82 14.36
CA SER A 87 -3.32 18.82 14.87
C SER A 87 -2.04 18.92 14.05
N GLY A 88 -1.71 17.93 13.23
CA GLY A 88 -0.45 17.91 12.53
C GLY A 88 0.73 17.45 13.37
N LYS A 89 0.53 17.13 14.64
CA LYS A 89 1.65 16.86 15.54
C LYS A 89 2.25 15.49 15.27
N CYS A 90 3.58 15.41 15.30
CA CYS A 90 4.27 14.12 15.29
C CYS A 90 4.19 13.57 16.71
N LEU A 91 3.46 12.47 16.89
CA LEU A 91 3.24 11.97 18.23
C LEU A 91 4.41 11.11 18.70
N LYS A 92 5.00 10.32 17.81
CA LYS A 92 6.08 9.41 18.13
C LYS A 92 6.93 9.21 16.89
N THR A 93 8.23 9.03 17.10
CA THR A 93 9.16 8.69 16.02
C THR A 93 9.72 7.31 16.35
N LEU A 94 9.44 6.33 15.48
CA LEU A 94 9.79 4.94 15.73
C LEU A 94 11.17 4.65 15.15
N LYS A 95 12.16 4.48 16.03
CA LYS A 95 13.54 4.21 15.60
C LYS A 95 13.92 2.79 15.96
N GLY A 96 14.54 2.08 15.02
CA GLY A 96 14.97 0.71 15.28
C GLY A 96 15.44 0.01 14.03
N HIS A 97 14.84 0.31 12.87
CA HIS A 97 15.35 -0.23 11.62
C HIS A 97 16.76 0.28 11.35
N SER A 98 17.59 -0.58 10.77
CA SER A 98 18.97 -0.21 10.44
C SER A 98 19.12 0.27 9.01
N ASN A 99 18.02 0.33 8.25
CA ASN A 99 18.07 0.70 6.84
C ASN A 99 16.73 1.34 6.50
N TYR A 100 16.58 1.82 5.25
CA TYR A 100 15.38 2.57 4.88
C TYR A 100 14.15 1.79 5.27
N VAL A 101 13.10 2.50 5.70
CA VAL A 101 11.81 1.84 5.94
C VAL A 101 10.98 2.01 4.69
N PHE A 102 10.41 0.91 4.20
CA PHE A 102 9.70 0.94 2.92
C PHE A 102 8.19 0.90 3.04
N CYS A 103 7.64 0.13 3.99
CA CYS A 103 6.21 -0.13 4.02
C CYS A 103 5.71 -0.14 5.46
N CYS A 104 4.43 0.18 5.65
CA CYS A 104 3.89 0.26 7.00
C CYS A 104 2.38 0.13 6.98
N ASN A 105 1.82 -0.30 8.11
CA ASN A 105 0.37 -0.42 8.26
C ASN A 105 0.05 -0.46 9.76
N PHE A 106 -1.14 0.05 10.10
CA PHE A 106 -1.74 -0.22 11.41
C PHE A 106 -2.47 -1.55 11.37
N ASN A 107 -2.59 -2.19 12.53
CA ASN A 107 -3.52 -3.30 12.67
C ASN A 107 -4.93 -2.75 12.80
N PRO A 108 -5.95 -3.61 12.69
CA PRO A 108 -7.33 -3.10 12.79
C PRO A 108 -7.63 -2.39 14.09
N GLN A 109 -7.13 -2.90 15.23
CA GLN A 109 -7.29 -2.19 16.49
C GLN A 109 -6.45 -0.92 16.55
N SER A 110 -5.59 -0.69 15.56
CA SER A 110 -4.72 0.49 15.51
C SER A 110 -3.97 0.72 16.82
N ASN A 111 -3.72 -0.35 17.56
CA ASN A 111 -2.80 -0.32 18.70
C ASN A 111 -1.41 -0.80 18.33
N LEU A 112 -1.22 -1.36 17.13
CA LEU A 112 0.08 -1.81 16.65
C LEU A 112 0.35 -1.24 15.26
N ILE A 113 1.64 -1.13 14.95
CA ILE A 113 2.11 -0.80 13.61
C ILE A 113 3.07 -1.91 13.17
N VAL A 114 2.98 -2.30 11.90
CA VAL A 114 3.93 -3.23 11.31
C VAL A 114 4.70 -2.47 10.22
N SER A 115 6.00 -2.75 10.11
CA SER A 115 6.85 -2.07 9.15
C SER A 115 7.77 -3.07 8.46
N GLY A 116 8.18 -2.74 7.24
CA GLY A 116 9.17 -3.54 6.53
C GLY A 116 10.25 -2.63 5.96
N SER A 117 11.45 -3.18 5.87
CA SER A 117 12.63 -2.34 5.66
C SER A 117 13.60 -3.02 4.69
N PHE A 118 14.48 -2.19 4.13
CA PHE A 118 15.63 -2.69 3.39
C PHE A 118 16.60 -3.44 4.28
N ASP A 119 16.46 -3.34 5.60
CA ASP A 119 17.25 -4.19 6.49
C ASP A 119 16.72 -5.61 6.54
N GLU A 120 15.78 -5.96 5.66
CA GLU A 120 15.26 -7.31 5.47
C GLU A 120 14.46 -7.81 6.66
N SER A 121 14.07 -6.92 7.58
CA SER A 121 13.28 -7.30 8.75
C SER A 121 11.86 -6.74 8.68
N VAL A 122 10.97 -7.38 9.43
CA VAL A 122 9.63 -6.88 9.71
C VAL A 122 9.57 -6.57 11.20
N ARG A 123 9.13 -5.36 11.54
CA ARG A 123 9.06 -4.97 12.94
C ARG A 123 7.63 -4.66 13.34
N ILE A 124 7.32 -4.89 14.61
CA ILE A 124 6.00 -4.65 15.19
C ILE A 124 6.16 -3.65 16.33
N TRP A 125 5.39 -2.56 16.25
CA TRP A 125 5.55 -1.43 17.16
C TRP A 125 4.28 -1.17 17.96
N ASP A 126 4.47 -0.69 19.18
CA ASP A 126 3.34 -0.28 20.03
C ASP A 126 2.99 1.17 19.70
N VAL A 127 1.72 1.41 19.36
CA VAL A 127 1.31 2.75 18.95
C VAL A 127 1.39 3.74 20.12
N LYS A 128 0.95 3.32 21.31
CA LYS A 128 0.85 4.27 22.43
C LYS A 128 2.23 4.75 22.89
N THR A 129 3.20 3.85 23.01
CA THR A 129 4.54 4.21 23.48
C THR A 129 5.54 4.45 22.36
N GLY A 130 5.27 3.98 21.14
CA GLY A 130 6.21 4.14 20.06
C GLY A 130 7.41 3.21 20.10
N LYS A 131 7.39 2.19 20.95
CA LYS A 131 8.53 1.32 21.13
C LYS A 131 8.39 0.05 20.28
N CYS A 132 9.53 -0.44 19.83
CA CYS A 132 9.58 -1.67 19.02
C CYS A 132 9.33 -2.88 19.92
N LEU A 133 8.31 -3.66 19.60
CA LEU A 133 7.92 -4.82 20.40
C LEU A 133 8.56 -6.12 19.93
N LYS A 134 8.61 -6.35 18.62
CA LYS A 134 9.30 -7.52 18.07
C LYS A 134 10.02 -7.15 16.80
N THR A 135 11.16 -7.78 16.57
CA THR A 135 11.86 -7.72 15.30
C THR A 135 11.90 -9.10 14.69
N LEU A 136 11.35 -9.26 13.48
CA LEU A 136 11.29 -10.55 12.83
C LEU A 136 12.32 -10.61 11.72
N PRO A 137 13.30 -11.54 11.76
CA PRO A 137 14.21 -11.69 10.63
C PRO A 137 13.50 -12.34 9.46
N ALA A 138 12.74 -11.54 8.73
CA ALA A 138 11.66 -12.06 7.88
C ALA A 138 12.17 -12.58 6.54
N HIS A 139 13.18 -11.95 5.96
CA HIS A 139 13.52 -12.20 4.57
C HIS A 139 15.03 -12.04 4.39
N SER A 140 15.50 -12.37 3.19
CA SER A 140 16.92 -12.20 2.85
C SER A 140 17.10 -11.15 1.75
N ASP A 141 16.13 -10.25 1.63
CA ASP A 141 16.17 -9.13 0.70
C ASP A 141 15.18 -8.10 1.20
N PRO A 142 15.23 -6.87 0.67
CA PRO A 142 14.31 -5.83 1.15
C PRO A 142 12.88 -6.32 1.21
N VAL A 143 12.14 -5.84 2.22
CA VAL A 143 10.74 -6.18 2.41
C VAL A 143 9.88 -5.21 1.61
N SER A 144 9.09 -5.75 0.68
CA SER A 144 8.31 -4.92 -0.23
C SER A 144 6.93 -4.54 0.30
N ALA A 145 6.35 -5.28 1.24
CA ALA A 145 5.03 -4.93 1.75
C ALA A 145 4.74 -5.69 3.03
N VAL A 146 3.90 -5.09 3.89
CA VAL A 146 3.44 -5.70 5.15
C VAL A 146 1.98 -5.32 5.36
N HIS A 147 1.19 -6.25 5.90
CA HIS A 147 -0.25 -6.03 6.02
C HIS A 147 -0.83 -6.97 7.07
N PHE A 148 -1.73 -6.46 7.90
CA PHE A 148 -2.46 -7.27 8.87
C PHE A 148 -3.72 -7.83 8.24
N ASN A 149 -4.14 -9.01 8.71
CA ASN A 149 -5.41 -9.59 8.27
C ASN A 149 -6.56 -8.95 9.04
N ARG A 150 -7.79 -9.46 8.83
CA ARG A 150 -8.98 -8.71 9.23
C ARG A 150 -9.06 -8.52 10.74
N ASP A 151 -8.62 -9.51 11.51
CA ASP A 151 -8.66 -9.37 12.97
C ASP A 151 -7.31 -9.02 13.56
N GLY A 152 -6.28 -8.88 12.74
CA GLY A 152 -4.98 -8.52 13.24
C GLY A 152 -4.17 -9.66 13.82
N SER A 153 -4.67 -10.89 13.77
CA SER A 153 -3.90 -12.00 14.31
C SER A 153 -2.74 -12.40 13.41
N LEU A 154 -2.78 -12.08 12.10
CA LEU A 154 -1.73 -12.45 11.18
C LEU A 154 -1.14 -11.20 10.50
N ILE A 155 0.13 -11.31 10.13
CA ILE A 155 0.82 -10.39 9.24
C ILE A 155 1.26 -11.17 8.00
N VAL A 156 1.06 -10.58 6.81
CA VAL A 156 1.66 -11.09 5.58
C VAL A 156 2.74 -10.11 5.14
N SER A 157 3.86 -10.65 4.67
CA SER A 157 5.00 -9.86 4.21
C SER A 157 5.45 -10.39 2.86
N SER A 158 6.05 -9.53 2.05
CA SER A 158 6.61 -9.95 0.77
C SER A 158 7.99 -9.36 0.62
N SER A 159 8.79 -9.92 -0.29
CA SER A 159 10.16 -9.48 -0.44
C SER A 159 10.68 -9.79 -1.85
N TYR A 160 11.71 -9.02 -2.23
CA TYR A 160 12.52 -9.34 -3.40
C TYR A 160 13.12 -10.73 -3.36
N ASP A 161 13.28 -11.33 -2.17
CA ASP A 161 13.82 -12.68 -2.13
C ASP A 161 12.87 -13.72 -2.72
N GLY A 162 11.69 -13.32 -3.18
CA GLY A 162 10.77 -14.19 -3.86
C GLY A 162 9.72 -14.82 -2.97
N LEU A 163 9.75 -14.53 -1.67
CA LEU A 163 8.87 -15.17 -0.72
C LEU A 163 7.76 -14.24 -0.25
N CYS A 164 6.60 -14.83 -0.03
CA CYS A 164 5.54 -14.27 0.80
CA CYS A 164 5.54 -14.29 0.78
C CYS A 164 5.47 -15.10 2.07
N ARG A 165 5.44 -14.44 3.22
CA ARG A 165 5.37 -15.17 4.47
C ARG A 165 4.25 -14.64 5.36
N ILE A 166 3.69 -15.55 6.14
CA ILE A 166 2.56 -15.27 7.03
C ILE A 166 3.05 -15.45 8.46
N TRP A 167 2.88 -14.40 9.27
CA TRP A 167 3.43 -14.33 10.62
C TRP A 167 2.30 -14.28 11.63
N ASP A 168 2.51 -14.95 12.76
CA ASP A 168 1.61 -14.85 13.89
C ASP A 168 1.93 -13.58 14.67
N THR A 169 0.97 -12.67 14.77
CA THR A 169 1.25 -11.38 15.39
C THR A 169 1.72 -11.54 16.82
N ALA A 170 1.01 -12.35 17.61
CA ALA A 170 1.29 -12.44 19.04
C ALA A 170 2.67 -13.04 19.33
N SER A 171 3.07 -14.07 18.58
CA SER A 171 4.32 -14.77 18.89
C SER A 171 5.47 -14.40 17.97
N GLY A 172 5.20 -13.79 16.81
CA GLY A 172 6.26 -13.52 15.86
C GLY A 172 6.73 -14.73 15.07
N GLN A 173 6.01 -15.85 15.13
CA GLN A 173 6.46 -17.07 14.49
C GLN A 173 6.00 -17.08 13.04
N CYS A 174 6.88 -17.56 12.15
CA CYS A 174 6.51 -17.79 10.76
C CYS A 174 5.57 -18.98 10.65
N LEU A 175 4.37 -18.75 10.15
CA LEU A 175 3.37 -19.80 10.01
C LEU A 175 3.30 -20.40 8.61
N LYS A 176 3.83 -19.70 7.61
CA LYS A 176 3.69 -20.18 6.24
C LYS A 176 4.63 -19.39 5.34
N THR A 177 5.25 -20.10 4.39
CA THR A 177 6.02 -19.51 3.30
C THR A 177 5.34 -19.90 1.99
N LEU A 178 4.98 -18.90 1.19
CA LEU A 178 4.33 -19.10 -0.10
C LEU A 178 5.24 -18.65 -1.24
N ILE A 179 5.33 -19.48 -2.28
CA ILE A 179 6.05 -19.14 -3.50
C ILE A 179 5.55 -20.04 -4.61
N ASP A 180 5.54 -19.52 -5.84
CA ASP A 180 5.08 -20.25 -7.02
C ASP A 180 6.27 -20.78 -7.81
N ASP A 181 5.97 -21.39 -8.95
CA ASP A 181 6.96 -22.05 -9.81
C ASP A 181 8.19 -21.18 -10.03
N ASP A 182 8.05 -20.09 -10.79
CA ASP A 182 9.18 -19.18 -10.93
C ASP A 182 9.45 -18.51 -9.59
N ASN A 183 10.64 -17.96 -9.44
CA ASN A 183 10.90 -17.26 -8.18
C ASN A 183 11.10 -15.77 -8.43
N PRO A 184 10.17 -15.07 -9.10
CA PRO A 184 10.38 -13.64 -9.31
C PRO A 184 10.24 -12.89 -8.01
N PRO A 185 10.91 -11.76 -7.86
CA PRO A 185 10.71 -10.92 -6.69
C PRO A 185 9.22 -10.67 -6.45
N VAL A 186 8.81 -10.72 -5.19
CA VAL A 186 7.44 -10.36 -4.83
C VAL A 186 7.45 -8.88 -4.47
N SER A 187 6.71 -8.10 -5.24
CA SER A 187 6.80 -6.65 -5.18
C SER A 187 5.65 -6.01 -4.43
N PHE A 188 4.62 -6.77 -4.06
CA PHE A 188 3.49 -6.27 -3.27
C PHE A 188 2.68 -7.46 -2.76
N VAL A 189 2.05 -7.28 -1.59
CA VAL A 189 1.11 -8.27 -1.08
C VAL A 189 0.14 -7.59 -0.12
N LYS A 190 -1.09 -8.09 -0.07
CA LYS A 190 -2.04 -7.67 0.95
C LYS A 190 -3.14 -8.73 1.10
N PHE A 191 -3.78 -8.71 2.26
CA PHE A 191 -4.94 -9.57 2.49
C PHE A 191 -6.18 -9.02 1.79
N SER A 192 -7.08 -9.94 1.42
CA SER A 192 -8.39 -9.54 0.88
C SER A 192 -9.21 -8.88 1.98
N PRO A 193 -10.24 -8.12 1.60
CA PRO A 193 -11.04 -7.43 2.63
C PRO A 193 -11.75 -8.39 3.56
N ASN A 194 -12.15 -9.56 3.09
CA ASN A 194 -12.69 -10.58 3.99
C ASN A 194 -11.61 -11.43 4.63
N GLY A 195 -10.35 -11.23 4.28
CA GLY A 195 -9.26 -11.91 4.95
C GLY A 195 -9.01 -13.34 4.52
N LYS A 196 -9.72 -13.85 3.50
CA LYS A 196 -9.54 -15.23 3.09
C LYS A 196 -8.39 -15.40 2.10
N TYR A 197 -8.06 -14.36 1.34
CA TYR A 197 -7.05 -14.46 0.28
C TYR A 197 -5.93 -13.45 0.53
N ILE A 198 -4.84 -13.62 -0.22
CA ILE A 198 -3.81 -12.59 -0.37
C ILE A 198 -3.67 -12.30 -1.86
N LEU A 199 -3.51 -11.02 -2.17
CA LEU A 199 -3.22 -10.57 -3.53
C LEU A 199 -1.75 -10.21 -3.58
N ALA A 200 -1.01 -10.91 -4.43
CA ALA A 200 0.45 -10.75 -4.49
C ALA A 200 0.85 -10.35 -5.90
N ALA A 201 1.76 -9.39 -5.98
CA ALA A 201 2.32 -8.94 -7.25
C ALA A 201 3.77 -9.40 -7.32
N THR A 202 4.19 -9.83 -8.52
CA THR A 202 5.56 -10.27 -8.74
C THR A 202 6.11 -9.52 -9.94
N LEU A 203 7.43 -9.31 -9.95
CA LEU A 203 8.08 -8.51 -10.99
C LEU A 203 8.21 -9.25 -12.31
N ASP A 204 7.22 -10.07 -12.63
CA ASP A 204 7.11 -10.72 -13.93
C ASP A 204 5.75 -10.38 -14.54
N ASN A 205 5.26 -9.17 -14.28
CA ASN A 205 4.06 -8.66 -14.92
C ASN A 205 2.83 -9.47 -14.53
N THR A 206 2.74 -9.85 -13.26
CA THR A 206 1.70 -10.78 -12.82
C THR A 206 1.19 -10.40 -11.44
N LEU A 207 -0.13 -10.38 -11.29
CA LEU A 207 -0.81 -10.39 -10.00
C LEU A 207 -1.46 -11.75 -9.79
N LYS A 208 -1.45 -12.23 -8.55
CA LYS A 208 -2.00 -13.54 -8.22
C LYS A 208 -2.84 -13.47 -6.96
N LEU A 209 -4.00 -14.12 -6.99
CA LEU A 209 -4.85 -14.27 -5.82
C LEU A 209 -4.62 -15.65 -5.21
N TRP A 210 -4.24 -15.69 -3.94
CA TRP A 210 -3.88 -16.93 -3.26
C TRP A 210 -4.87 -17.26 -2.14
N ASP A 211 -5.28 -18.51 -2.08
CA ASP A 211 -5.85 -19.05 -0.85
C ASP A 211 -4.67 -19.40 0.03
N TYR A 212 -4.37 -18.55 1.02
CA TYR A 212 -3.16 -18.77 1.77
C TYR A 212 -3.30 -19.90 2.78
N SER A 213 -4.50 -20.11 3.33
CA SER A 213 -4.69 -21.25 4.24
C SER A 213 -4.41 -22.55 3.52
N SER A 214 -4.91 -22.69 2.29
CA SER A 214 -4.67 -23.89 1.49
C SER A 214 -3.39 -23.80 0.67
N GLY A 215 -2.73 -22.65 0.64
CA GLY A 215 -1.49 -22.51 -0.12
C GLY A 215 -1.65 -22.70 -1.61
N LYS A 216 -2.79 -22.29 -2.17
CA LYS A 216 -3.09 -22.52 -3.58
C LYS A 216 -3.37 -21.20 -4.28
N CYS A 217 -2.79 -21.03 -5.46
CA CYS A 217 -3.01 -19.83 -6.25
C CYS A 217 -4.29 -20.01 -7.06
N LEU A 218 -5.29 -19.20 -6.79
CA LEU A 218 -6.61 -19.35 -7.39
C LEU A 218 -6.74 -18.65 -8.74
N LYS A 219 -6.24 -17.41 -8.85
CA LYS A 219 -6.44 -16.61 -10.04
C LYS A 219 -5.19 -15.82 -10.35
N THR A 220 -5.00 -15.48 -11.63
CA THR A 220 -3.92 -14.59 -12.01
C THR A 220 -4.47 -13.52 -12.94
N TYR A 221 -3.95 -12.31 -12.77
CA TYR A 221 -4.32 -11.15 -13.56
C TYR A 221 -3.09 -10.65 -14.28
N THR A 222 -3.19 -10.52 -15.61
CA THR A 222 -2.06 -10.16 -16.44
C THR A 222 -2.52 -9.15 -17.48
N GLY A 223 -1.59 -8.63 -18.26
CA GLY A 223 -1.86 -7.61 -19.26
C GLY A 223 -1.21 -6.28 -18.98
N HIS A 224 -0.85 -6.02 -17.73
CA HIS A 224 -0.13 -4.82 -17.34
C HIS A 224 1.37 -5.07 -17.44
N LYS A 225 2.16 -4.04 -17.16
CA LYS A 225 3.61 -4.10 -17.17
C LYS A 225 4.12 -3.81 -15.76
N ASN A 226 4.87 -4.76 -15.19
CA ASN A 226 5.42 -4.57 -13.84
C ASN A 226 6.65 -5.48 -13.73
N GLU A 227 7.81 -4.90 -14.07
CA GLU A 227 9.07 -5.61 -14.02
C GLU A 227 10.15 -4.91 -13.20
N LYS A 228 9.89 -3.69 -12.69
CA LYS A 228 10.93 -2.86 -12.10
C LYS A 228 10.55 -2.29 -10.74
N TYR A 229 9.29 -1.91 -10.54
CA TYR A 229 8.88 -1.17 -9.37
C TYR A 229 7.88 -1.94 -8.52
N CYS A 230 7.86 -1.59 -7.24
CA CYS A 230 6.88 -2.15 -6.30
C CYS A 230 5.61 -1.31 -6.39
N ILE A 231 4.61 -1.85 -7.09
CA ILE A 231 3.36 -1.15 -7.39
C ILE A 231 2.26 -1.71 -6.50
N PHE A 232 1.51 -0.81 -5.87
CA PHE A 232 0.34 -1.19 -5.08
C PHE A 232 -0.71 -1.85 -5.98
N ALA A 233 -1.49 -2.75 -5.40
CA ALA A 233 -2.68 -3.32 -6.04
C ALA A 233 -3.82 -3.30 -5.03
N ASN A 234 -5.06 -3.37 -5.52
CA ASN A 234 -6.21 -3.20 -4.64
C ASN A 234 -7.39 -4.09 -5.02
N PHE A 235 -8.21 -4.38 -4.02
CA PHE A 235 -9.54 -4.92 -4.22
C PHE A 235 -10.52 -3.75 -4.25
N SER A 236 -11.31 -3.66 -5.31
CA SER A 236 -12.39 -2.68 -5.40
C SER A 236 -13.70 -3.41 -5.16
N VAL A 237 -14.45 -2.98 -4.15
CA VAL A 237 -15.62 -3.71 -3.68
C VAL A 237 -16.86 -2.85 -3.54
N THR A 238 -16.80 -1.56 -3.87
CA THR A 238 -17.94 -0.67 -3.65
C THR A 238 -19.02 -0.84 -4.71
N GLY A 239 -18.65 -1.22 -5.93
CA GLY A 239 -19.60 -1.50 -6.97
C GLY A 239 -19.41 -2.91 -7.52
N GLY A 240 -18.91 -3.03 -8.73
CA GLY A 240 -18.43 -4.32 -9.20
C GLY A 240 -17.18 -4.74 -8.45
N LYS A 241 -16.92 -6.04 -8.45
CA LYS A 241 -15.80 -6.59 -7.70
C LYS A 241 -14.59 -6.70 -8.63
N TRP A 242 -13.67 -5.74 -8.52
CA TRP A 242 -12.53 -5.60 -9.41
C TRP A 242 -11.20 -5.80 -8.67
N ILE A 243 -10.16 -5.91 -9.49
CA ILE A 243 -8.77 -5.75 -9.09
C ILE A 243 -8.23 -4.51 -9.79
N VAL A 244 -7.54 -3.65 -9.04
CA VAL A 244 -7.02 -2.38 -9.55
C VAL A 244 -5.51 -2.33 -9.31
N SER A 245 -4.76 -1.96 -10.34
CA SER A 245 -3.32 -1.82 -10.15
C SER A 245 -2.76 -0.81 -11.14
N GLY A 246 -1.78 -0.03 -10.69
CA GLY A 246 -1.00 0.77 -11.59
C GLY A 246 -0.12 -0.10 -12.45
N SER A 247 0.66 0.54 -13.32
CA SER A 247 1.42 -0.19 -14.31
C SER A 247 2.56 0.69 -14.82
N GLU A 248 3.62 0.05 -15.30
CA GLU A 248 4.78 0.77 -15.81
C GLU A 248 4.61 1.25 -17.24
N ASP A 249 3.46 0.98 -17.87
CA ASP A 249 3.10 1.65 -19.11
C ASP A 249 2.26 2.91 -18.86
N ASN A 250 2.24 3.40 -17.62
CA ASN A 250 1.61 4.65 -17.20
C ASN A 250 0.09 4.56 -17.12
N LEU A 251 -0.47 3.37 -17.06
CA LEU A 251 -1.92 3.17 -17.02
C LEU A 251 -2.34 2.57 -15.70
N VAL A 252 -3.60 2.80 -15.34
CA VAL A 252 -4.27 2.05 -14.29
C VAL A 252 -5.05 0.92 -14.96
N TYR A 253 -4.82 -0.31 -14.51
CA TYR A 253 -5.53 -1.47 -15.04
C TYR A 253 -6.63 -1.89 -14.07
N ILE A 254 -7.77 -2.31 -14.61
CA ILE A 254 -8.88 -2.80 -13.81
C ILE A 254 -9.31 -4.15 -14.37
N TRP A 255 -9.31 -5.18 -13.52
CA TRP A 255 -9.73 -6.53 -13.90
C TRP A 255 -11.00 -6.91 -13.18
N ASN A 256 -11.79 -7.74 -13.83
CA ASN A 256 -12.87 -8.45 -13.15
C ASN A 256 -12.26 -9.51 -12.24
N LEU A 257 -12.59 -9.46 -10.94
CA LEU A 257 -11.92 -10.33 -9.98
C LEU A 257 -12.18 -11.81 -10.29
N GLN A 258 -13.39 -12.14 -10.73
CA GLN A 258 -13.71 -13.55 -10.87
C GLN A 258 -13.29 -14.11 -12.23
N THR A 259 -13.51 -13.37 -13.31
CA THR A 259 -13.19 -13.88 -14.64
C THR A 259 -11.77 -13.55 -15.08
N LYS A 260 -11.11 -12.61 -14.40
CA LYS A 260 -9.74 -12.18 -14.64
C LYS A 260 -9.57 -11.39 -15.94
N GLU A 261 -10.65 -10.99 -16.59
CA GLU A 261 -10.54 -10.19 -17.80
C GLU A 261 -10.30 -8.74 -17.44
N ILE A 262 -9.45 -8.08 -18.23
CA ILE A 262 -9.32 -6.62 -18.15
C ILE A 262 -10.65 -6.00 -18.53
N VAL A 263 -11.12 -5.06 -17.72
CA VAL A 263 -12.38 -4.37 -18.00
C VAL A 263 -12.20 -2.89 -18.28
N GLN A 264 -11.10 -2.28 -17.85
CA GLN A 264 -10.82 -0.89 -18.18
C GLN A 264 -9.34 -0.62 -17.99
N LYS A 265 -8.82 0.29 -18.81
CA LYS A 265 -7.54 0.93 -18.57
C LYS A 265 -7.76 2.44 -18.50
N LEU A 266 -7.05 3.09 -17.58
CA LEU A 266 -7.20 4.53 -17.35
C LEU A 266 -5.93 5.23 -17.81
N GLN A 267 -6.07 6.16 -18.75
CA GLN A 267 -4.95 6.84 -19.37
C GLN A 267 -4.87 8.29 -18.88
N GLY A 268 -3.66 8.79 -18.67
CA GLY A 268 -3.50 10.17 -18.24
C GLY A 268 -2.14 10.50 -17.64
N HIS A 269 -1.53 9.55 -16.92
CA HIS A 269 -0.27 9.84 -16.27
C HIS A 269 0.89 9.79 -17.26
N THR A 270 1.97 10.50 -16.93
CA THR A 270 3.17 10.55 -17.75
C THR A 270 4.35 9.79 -17.12
N ASP A 271 4.08 8.97 -16.12
CA ASP A 271 5.14 8.13 -15.54
C ASP A 271 4.46 6.91 -14.93
N VAL A 272 5.29 5.98 -14.43
CA VAL A 272 4.81 4.77 -13.77
C VAL A 272 3.73 5.13 -12.75
N VAL A 273 2.59 4.46 -12.83
CA VAL A 273 1.56 4.61 -11.81
C VAL A 273 1.96 3.70 -10.64
N ILE A 274 2.64 4.28 -9.66
CA ILE A 274 3.24 3.47 -8.59
C ILE A 274 2.22 3.11 -7.51
N SER A 275 1.14 3.86 -7.41
CA SER A 275 0.22 3.69 -6.30
C SER A 275 -1.20 3.97 -6.78
N THR A 276 -2.14 3.14 -6.31
CA THR A 276 -3.57 3.34 -6.48
C THR A 276 -4.26 2.98 -5.18
N ALA A 277 -5.46 3.54 -4.99
CA ALA A 277 -6.27 3.25 -3.81
C ALA A 277 -7.74 3.34 -4.20
N CYS A 278 -8.57 2.53 -3.54
CA CYS A 278 -9.99 2.46 -3.81
C CYS A 278 -10.76 3.03 -2.62
N HIS A 279 -11.69 3.95 -2.89
CA HIS A 279 -12.45 4.59 -1.83
C HIS A 279 -13.29 3.56 -1.08
N PRO A 280 -13.43 3.68 0.24
CA PRO A 280 -14.10 2.61 1.00
C PRO A 280 -15.61 2.53 0.79
N THR A 281 -16.27 3.57 0.29
CA THR A 281 -17.72 3.52 0.10
C THR A 281 -18.20 4.00 -1.27
N GLU A 282 -17.44 4.81 -1.98
CA GLU A 282 -17.82 5.28 -3.31
C GLU A 282 -16.93 4.65 -4.36
N ASN A 283 -17.41 4.67 -5.60
CA ASN A 283 -16.62 4.15 -6.71
C ASN A 283 -15.62 5.23 -7.15
N ILE A 284 -14.61 5.41 -6.31
CA ILE A 284 -13.57 6.40 -6.54
C ILE A 284 -12.22 5.71 -6.48
N ILE A 285 -11.35 6.01 -7.45
CA ILE A 285 -10.00 5.48 -7.48
C ILE A 285 -9.03 6.65 -7.46
N ALA A 286 -8.02 6.57 -6.59
CA ALA A 286 -6.92 7.52 -6.61
C ALA A 286 -5.70 6.84 -7.19
N SER A 287 -5.00 7.55 -8.06
CA SER A 287 -3.79 7.04 -8.69
C SER A 287 -2.70 8.09 -8.58
N ALA A 288 -1.45 7.63 -8.45
CA ALA A 288 -0.32 8.54 -8.31
C ALA A 288 0.87 7.99 -9.06
N ALA A 289 1.74 8.88 -9.54
CA ALA A 289 2.78 8.53 -10.48
C ALA A 289 4.13 9.11 -10.07
N LEU A 290 5.19 8.63 -10.75
CA LEU A 290 6.55 8.93 -10.37
C LEU A 290 7.05 10.29 -10.88
N GLU A 291 8.39 10.45 -10.91
CA GLU A 291 9.05 11.76 -10.95
C GLU A 291 8.71 12.57 -12.20
N ASN A 292 8.45 11.91 -13.32
CA ASN A 292 8.14 12.59 -14.56
C ASN A 292 6.74 13.18 -14.57
N ASP A 293 5.88 12.76 -13.62
CA ASP A 293 4.48 13.15 -13.57
C ASP A 293 4.18 13.99 -12.34
N LYS A 294 4.45 13.48 -11.15
CA LYS A 294 4.32 14.15 -9.85
C LYS A 294 2.88 14.46 -9.45
N THR A 295 1.88 13.91 -10.14
CA THR A 295 0.50 14.26 -9.81
C THR A 295 -0.29 13.05 -9.33
N ILE A 296 -1.42 13.37 -8.70
CA ILE A 296 -2.41 12.42 -8.22
C ILE A 296 -3.68 12.67 -9.00
N LYS A 297 -4.32 11.60 -9.46
CA LYS A 297 -5.55 11.75 -10.23
C LYS A 297 -6.67 11.00 -9.53
N LEU A 298 -7.88 11.56 -9.59
CA LEU A 298 -9.06 10.98 -8.96
C LEU A 298 -10.07 10.63 -10.05
N TRP A 299 -10.47 9.36 -10.08
CA TRP A 299 -11.38 8.82 -11.10
C TRP A 299 -12.64 8.33 -10.42
N LYS A 300 -13.80 8.53 -11.07
CA LYS A 300 -15.09 8.16 -10.53
C LYS A 300 -15.88 7.37 -11.56
N SER A 301 -16.76 6.49 -11.09
CA SER A 301 -17.48 5.59 -11.98
C SER A 301 -18.90 5.35 -11.46
N ASP A 302 -19.77 4.88 -12.38
CA ASP A 302 -21.14 4.49 -12.03
C ASP A 302 -21.19 3.22 -11.20
N CYS A 303 -20.29 2.28 -11.47
CA CYS A 303 -20.33 0.96 -10.86
C CYS A 303 -18.94 0.35 -10.75
#